data_1HCX
#
_entry.id   1HCX
#
_cell.length_a   58.049
_cell.length_b   118.177
_cell.length_c   104.859
_cell.angle_alpha   90.00
_cell.angle_beta   90.00
_cell.angle_gamma   90.00
#
_symmetry.space_group_name_H-M   'I 2 2 2'
#
loop_
_entity.id
_entity.type
_entity.pdbx_description
1 polymer 'MAJOR AUTOLYSIN'
2 non-polymer "2,2':6',2''-TERPYRIDINE PLATINUM(II) Chloride"
3 non-polymer 'CHOLINE ION'
4 non-polymer DECYLAMINE-N,N-DIMETHYL-N-OXIDE
5 water water
#
_entity_poly.entity_id   1
_entity_poly.type   'polypeptide(L)'
_entity_poly.pdbx_seq_one_letter_code
;GSYPKDKFEKINGTWYYFDSSGYMLADRWRKHTDGNWYWFDNSGEMATGWKKIADKWYYFNEEGAMKTGWVKYKDTWYYL
DAKEGAMVSNAFIQSADGTGWYYLKPDGTLADRPEFTVEPDGLITVK
;
_entity_poly.pdbx_strand_id   A,B
#
loop_
_chem_comp.id
_chem_comp.type
_chem_comp.name
_chem_comp.formula
CHT non-polymer 'CHOLINE ION' 'C5 H14 N O 1'
DDQ non-polymer DECYLAMINE-N,N-DIMETHYL-N-OXIDE 'C12 H27 N O'
TPT non-polymer '2,2':6',2''-TERPYRIDINE PLATINUM(II) Chloride' 'C15 H11 Cl N3 Pt 1'
#
# COMPACT_ATOMS: atom_id res chain seq x y z
N GLY A 1 8.89 -7.29 44.26
CA GLY A 1 9.84 -7.61 43.15
C GLY A 1 11.29 -7.41 43.53
N SER A 2 12.04 -8.52 43.56
CA SER A 2 13.45 -8.48 43.91
C SER A 2 14.34 -8.37 42.67
N TYR A 3 13.69 -8.22 41.51
CA TYR A 3 14.38 -8.09 40.23
C TYR A 3 13.37 -7.77 39.13
N PRO A 4 13.66 -6.75 38.30
CA PRO A 4 12.78 -6.34 37.21
C PRO A 4 12.57 -7.40 36.12
N LYS A 5 11.31 -7.74 35.87
CA LYS A 5 10.97 -8.74 34.87
C LYS A 5 9.95 -8.20 33.86
N ASP A 6 10.42 -7.74 32.71
CA ASP A 6 9.53 -7.23 31.69
C ASP A 6 8.71 -6.03 32.16
N LYS A 7 9.27 -4.83 32.01
CA LYS A 7 8.60 -3.59 32.43
C LYS A 7 9.45 -2.33 32.19
N PHE A 8 8.82 -1.16 32.31
CA PHE A 8 9.47 0.13 32.16
C PHE A 8 10.31 0.41 33.40
N GLU A 9 10.86 1.63 33.50
CA GLU A 9 11.69 2.03 34.65
C GLU A 9 12.25 3.43 34.45
N LYS A 10 11.73 4.41 35.20
CA LYS A 10 12.20 5.78 35.06
C LYS A 10 13.43 6.12 35.90
N ILE A 11 14.53 5.39 35.67
CA ILE A 11 15.77 5.65 36.39
C ILE A 11 16.10 7.13 36.23
N ASN A 12 15.81 7.91 37.27
CA ASN A 12 16.02 9.37 37.29
C ASN A 12 16.11 10.08 35.94
N GLY A 13 14.97 10.59 35.50
CA GLY A 13 14.92 11.32 34.24
C GLY A 13 14.66 10.52 32.98
N THR A 14 15.39 9.43 32.81
CA THR A 14 15.24 8.61 31.61
C THR A 14 14.55 7.27 31.85
N TRP A 15 13.80 6.81 30.86
CA TRP A 15 13.09 5.55 30.93
C TRP A 15 13.88 4.42 30.24
N TYR A 16 13.68 3.19 30.71
CA TYR A 16 14.37 2.02 30.16
C TYR A 16 13.41 0.83 30.20
N TYR A 17 13.79 -0.31 29.62
CA TYR A 17 12.90 -1.47 29.61
C TYR A 17 13.62 -2.81 29.65
N PHE A 18 13.22 -3.68 30.59
CA PHE A 18 13.84 -5.00 30.73
C PHE A 18 12.86 -6.07 30.22
N ASP A 19 13.34 -7.01 29.41
CA ASP A 19 12.47 -8.05 28.88
C ASP A 19 12.01 -8.97 30.01
N SER A 20 11.15 -9.93 29.66
CA SER A 20 10.63 -10.87 30.63
C SER A 20 11.78 -11.68 31.23
N SER A 21 12.78 -11.95 30.40
CA SER A 21 13.95 -12.73 30.83
C SER A 21 14.84 -11.92 31.78
N GLY A 22 14.41 -10.71 32.11
CA GLY A 22 15.18 -9.88 33.02
C GLY A 22 16.09 -8.86 32.35
N TYR A 23 16.81 -9.31 31.32
CA TYR A 23 17.73 -8.45 30.58
C TYR A 23 17.09 -7.12 30.18
N MET A 24 17.93 -6.14 29.82
CA MET A 24 17.46 -4.82 29.38
C MET A 24 17.39 -4.76 27.86
N LEU A 25 16.45 -3.98 27.34
CA LEU A 25 16.29 -3.85 25.89
C LEU A 25 17.20 -2.76 25.30
N ALA A 26 17.88 -3.11 24.23
CA ALA A 26 18.78 -2.19 23.54
C ALA A 26 18.80 -2.55 22.06
N ASP A 27 18.63 -1.52 21.21
CA ASP A 27 18.58 -1.71 19.77
C ASP A 27 17.48 -2.73 19.50
N ARG A 28 16.29 -2.44 20.03
CA ARG A 28 15.16 -3.34 19.85
C ARG A 28 13.82 -2.61 19.98
N TRP A 29 12.86 -3.01 19.14
CA TRP A 29 11.53 -2.41 19.16
C TRP A 29 10.67 -3.16 20.17
N ARG A 30 9.57 -2.53 20.57
CA ARG A 30 8.69 -3.13 21.55
C ARG A 30 7.27 -2.56 21.47
N LYS A 31 6.34 -3.36 20.98
CA LYS A 31 4.96 -2.89 20.91
C LYS A 31 4.32 -3.23 22.26
N HIS A 32 4.03 -2.17 23.01
CA HIS A 32 3.47 -2.27 24.35
C HIS A 32 1.97 -2.59 24.40
N THR A 33 1.43 -2.52 25.61
CA THR A 33 0.02 -2.78 25.90
C THR A 33 -0.84 -1.56 25.57
N ASP A 34 -0.18 -0.48 25.17
CA ASP A 34 -0.86 0.76 24.80
C ASP A 34 -1.02 0.82 23.28
N GLY A 35 -0.59 -0.25 22.62
CA GLY A 35 -0.67 -0.31 21.16
C GLY A 35 0.50 0.39 20.51
N ASN A 36 1.10 1.31 21.25
CA ASN A 36 2.23 2.09 20.77
C ASN A 36 3.55 1.34 20.61
N TRP A 37 4.30 1.69 19.58
CA TRP A 37 5.60 1.08 19.32
C TRP A 37 6.68 1.91 20.02
N TYR A 38 7.60 1.25 20.71
CA TYR A 38 8.69 1.94 21.42
C TYR A 38 10.04 1.42 20.96
N TRP A 39 11.07 2.24 21.11
CA TRP A 39 12.41 1.81 20.71
C TRP A 39 13.43 2.28 21.74
N PHE A 40 14.47 1.48 21.95
CA PHE A 40 15.52 1.82 22.91
C PHE A 40 16.86 1.60 22.21
N ASP A 41 17.72 2.62 22.22
CA ASP A 41 19.01 2.50 21.55
C ASP A 41 19.93 1.45 22.17
N ASN A 42 21.21 1.50 21.81
CA ASN A 42 22.14 0.52 22.35
C ASN A 42 22.37 0.70 23.86
N SER A 43 22.06 1.89 24.38
CA SER A 43 22.22 2.12 25.81
C SER A 43 20.84 2.08 26.49
N GLY A 44 19.95 1.23 25.98
CA GLY A 44 18.62 1.07 26.53
C GLY A 44 17.79 2.33 26.70
N GLU A 45 18.36 3.48 26.35
CA GLU A 45 17.65 4.76 26.48
C GLU A 45 16.39 4.75 25.60
N MET A 46 15.24 5.10 26.18
CA MET A 46 14.00 5.13 25.41
C MET A 46 13.96 6.31 24.45
N ALA A 47 13.90 6.00 23.16
CA ALA A 47 13.87 7.04 22.14
C ALA A 47 12.75 8.06 22.36
N THR A 48 13.02 9.29 21.95
CA THR A 48 12.09 10.39 22.06
C THR A 48 12.45 11.41 20.97
N GLY A 49 11.44 11.88 20.25
CA GLY A 49 11.70 12.82 19.18
C GLY A 49 12.05 12.04 17.93
N TRP A 50 13.04 12.51 17.19
CA TRP A 50 13.46 11.84 15.96
C TRP A 50 14.57 10.83 16.16
N LYS A 51 14.55 9.76 15.39
CA LYS A 51 15.55 8.71 15.45
C LYS A 51 15.73 8.04 14.10
N LYS A 52 16.96 7.71 13.76
CA LYS A 52 17.26 7.06 12.48
C LYS A 52 17.65 5.63 12.80
N ILE A 53 16.69 4.73 12.67
CA ILE A 53 16.86 3.32 12.96
C ILE A 53 16.94 2.41 11.72
N ALA A 54 18.08 1.76 11.54
CA ALA A 54 18.29 0.86 10.41
C ALA A 54 18.22 1.63 9.09
N ASP A 55 18.61 2.89 9.13
CA ASP A 55 18.63 3.77 7.96
C ASP A 55 17.27 4.35 7.54
N LYS A 56 16.35 4.45 8.51
CA LYS A 56 15.01 5.00 8.31
C LYS A 56 14.71 5.99 9.44
N TRP A 57 13.81 6.94 9.23
CA TRP A 57 13.51 7.88 10.30
C TRP A 57 12.15 7.63 10.91
N TYR A 58 12.08 7.83 12.23
CA TYR A 58 10.85 7.64 12.98
C TYR A 58 10.77 8.77 14.00
N TYR A 59 9.58 9.02 14.54
CA TYR A 59 9.41 10.08 15.53
C TYR A 59 8.53 9.60 16.67
N PHE A 60 8.99 9.84 17.89
CA PHE A 60 8.24 9.44 19.07
C PHE A 60 7.87 10.71 19.82
N ASN A 61 6.75 10.66 20.55
CA ASN A 61 6.32 11.84 21.30
C ASN A 61 7.25 12.03 22.47
N GLU A 62 7.01 13.09 23.25
CA GLU A 62 7.83 13.38 24.42
C GLU A 62 7.63 12.34 25.51
N GLU A 63 7.18 11.14 25.10
CA GLU A 63 6.93 10.04 26.03
C GLU A 63 7.30 8.70 25.40
N GLY A 64 8.22 8.73 24.43
CA GLY A 64 8.68 7.52 23.78
C GLY A 64 7.75 6.80 22.82
N ALA A 65 6.51 7.27 22.73
CA ALA A 65 5.54 6.64 21.84
C ALA A 65 5.75 7.02 20.38
N MET A 66 5.86 6.02 19.51
CA MET A 66 6.04 6.28 18.09
C MET A 66 4.74 6.80 17.49
N LYS A 67 4.81 7.96 16.84
CA LYS A 67 3.64 8.55 16.22
C LYS A 67 3.75 8.41 14.71
N THR A 68 2.63 8.57 14.02
CA THR A 68 2.58 8.45 12.57
C THR A 68 1.68 9.55 12.01
N GLY A 69 1.77 9.75 10.70
CA GLY A 69 0.97 10.78 10.08
C GLY A 69 1.86 11.97 9.88
N TRP A 70 1.30 13.13 9.59
CA TRP A 70 2.14 14.30 9.39
C TRP A 70 2.77 14.78 10.69
N VAL A 71 3.97 15.34 10.57
CA VAL A 71 4.70 15.85 11.71
C VAL A 71 5.68 16.89 11.21
N LYS A 72 5.83 17.96 11.98
CA LYS A 72 6.71 19.03 11.57
C LYS A 72 8.04 19.04 12.33
N TYR A 73 9.10 19.41 11.62
CA TYR A 73 10.44 19.51 12.18
C TYR A 73 11.08 20.72 11.50
N LYS A 74 11.24 21.80 12.25
CA LYS A 74 11.84 23.03 11.74
C LYS A 74 11.22 23.41 10.41
N ASP A 75 10.16 24.22 10.45
CA ASP A 75 9.48 24.67 9.24
C ASP A 75 9.36 23.68 8.07
N THR A 76 9.58 22.39 8.33
CA THR A 76 9.46 21.40 7.26
C THR A 76 8.54 20.24 7.63
N TRP A 77 7.63 19.91 6.72
CA TRP A 77 6.69 18.82 6.96
C TRP A 77 7.13 17.46 6.44
N TYR A 78 6.90 16.45 7.29
CA TYR A 78 7.25 15.08 6.98
C TYR A 78 6.05 14.18 7.24
N TYR A 79 5.98 13.08 6.50
CA TYR A 79 4.89 12.12 6.68
C TYR A 79 5.39 10.77 7.14
N LEU A 80 4.86 10.32 8.27
CA LEU A 80 5.25 9.05 8.83
C LEU A 80 4.21 7.96 8.53
N ASP A 81 4.67 6.92 7.82
CA ASP A 81 3.85 5.78 7.44
C ASP A 81 3.00 5.32 8.60
N ALA A 82 1.69 5.19 8.37
CA ALA A 82 0.76 4.79 9.42
C ALA A 82 0.89 3.35 9.90
N LYS A 83 1.67 2.54 9.20
CA LYS A 83 1.83 1.14 9.57
C LYS A 83 3.23 0.77 10.05
N GLU A 84 4.24 1.30 9.38
CA GLU A 84 5.63 1.02 9.74
C GLU A 84 6.22 2.15 10.60
N GLY A 85 5.56 3.30 10.61
CA GLY A 85 6.03 4.44 11.37
C GLY A 85 7.17 5.16 10.68
N ALA A 86 7.75 4.54 9.66
CA ALA A 86 8.87 5.13 8.96
C ALA A 86 8.55 6.31 8.07
N MET A 87 9.55 7.17 7.91
CA MET A 87 9.44 8.37 7.09
C MET A 87 9.25 8.00 5.63
N VAL A 88 8.19 8.54 5.02
CA VAL A 88 7.91 8.27 3.63
C VAL A 88 8.70 9.26 2.73
N SER A 89 9.18 8.77 1.58
CA SER A 89 9.93 9.62 0.65
C SER A 89 9.63 9.32 -0.81
N ASN A 90 9.65 10.34 -1.65
CA ASN A 90 9.35 10.19 -3.07
C ASN A 90 8.03 9.44 -3.16
N ALA A 91 7.02 9.98 -2.50
CA ALA A 91 5.71 9.33 -2.47
C ALA A 91 4.57 10.33 -2.39
N PHE A 92 3.43 9.94 -2.93
CA PHE A 92 2.26 10.79 -2.88
C PHE A 92 1.32 10.30 -1.80
N ILE A 93 1.18 11.06 -0.71
CA ILE A 93 0.25 10.67 0.32
C ILE A 93 -0.98 11.51 0.09
N GLN A 94 -2.13 10.85 0.05
CA GLN A 94 -3.43 11.49 -0.18
C GLN A 94 -3.95 12.32 1.00
N SER A 95 -4.50 13.49 0.70
CA SER A 95 -5.04 14.38 1.71
C SER A 95 -6.17 13.71 2.47
N ALA A 96 -6.39 14.12 3.71
CA ALA A 96 -7.45 13.53 4.49
C ALA A 96 -8.84 13.78 3.93
N ASP A 97 -9.04 14.87 3.20
CA ASP A 97 -10.37 15.18 2.66
C ASP A 97 -10.54 14.62 1.24
N GLY A 98 -9.63 13.76 0.83
CA GLY A 98 -9.71 13.15 -0.48
C GLY A 98 -9.59 14.01 -1.71
N THR A 99 -9.63 15.33 -1.56
CA THR A 99 -9.55 16.22 -2.72
C THR A 99 -8.23 16.19 -3.49
N GLY A 100 -7.12 15.89 -2.81
CA GLY A 100 -5.84 15.88 -3.51
C GLY A 100 -4.69 15.17 -2.80
N TRP A 101 -3.47 15.42 -3.27
CA TRP A 101 -2.26 14.76 -2.75
C TRP A 101 -1.09 15.65 -2.34
N TYR A 102 -0.21 15.11 -1.50
CA TYR A 102 0.99 15.82 -1.08
C TYR A 102 2.17 14.98 -1.50
N TYR A 103 3.09 15.57 -2.23
CA TYR A 103 4.26 14.83 -2.66
C TYR A 103 5.43 15.07 -1.72
N LEU A 104 6.06 13.99 -1.26
CA LEU A 104 7.22 14.08 -0.39
C LEU A 104 8.46 13.88 -1.26
N LYS A 105 9.48 14.72 -1.09
CA LYS A 105 10.70 14.60 -1.89
C LYS A 105 11.51 13.36 -1.46
N PRO A 106 12.43 12.90 -2.32
CA PRO A 106 13.25 11.72 -2.00
C PRO A 106 13.88 11.87 -0.62
N ASP A 107 14.29 13.10 -0.30
CA ASP A 107 14.91 13.38 0.99
C ASP A 107 13.87 13.42 2.10
N GLY A 108 12.66 12.99 1.78
CA GLY A 108 11.59 12.96 2.76
C GLY A 108 10.85 14.24 3.10
N THR A 109 11.31 15.39 2.61
CA THR A 109 10.64 16.66 2.93
C THR A 109 9.45 16.92 2.02
N LEU A 110 8.42 17.55 2.55
CA LEU A 110 7.24 17.86 1.77
C LEU A 110 7.61 18.84 0.66
N ALA A 111 6.98 18.72 -0.48
CA ALA A 111 7.25 19.67 -1.55
C ALA A 111 6.06 20.61 -1.60
N ASP A 112 6.16 21.74 -0.91
CA ASP A 112 5.04 22.70 -0.92
C ASP A 112 4.97 23.47 -2.24
N ARG A 113 6.02 23.38 -3.04
CA ARG A 113 6.03 24.08 -4.32
C ARG A 113 6.51 23.11 -5.39
N PRO A 114 5.83 21.97 -5.54
CA PRO A 114 6.18 20.95 -6.54
C PRO A 114 6.03 21.43 -7.96
N GLU A 115 6.91 20.94 -8.82
CA GLU A 115 6.91 21.27 -10.24
C GLU A 115 6.77 19.96 -11.00
N PHE A 116 5.86 19.93 -11.98
CA PHE A 116 5.63 18.72 -12.76
C PHE A 116 5.91 18.86 -14.24
N THR A 117 6.39 17.76 -14.83
CA THR A 117 6.65 17.68 -16.26
C THR A 117 5.85 16.47 -16.74
N VAL A 118 4.99 16.68 -17.73
CA VAL A 118 4.19 15.60 -18.28
C VAL A 118 4.78 15.23 -19.64
N GLU A 119 5.23 13.98 -19.78
CA GLU A 119 5.79 13.53 -21.06
C GLU A 119 4.68 13.09 -22.02
N PRO A 120 5.01 12.95 -23.31
CA PRO A 120 4.03 12.54 -24.32
C PRO A 120 3.08 11.40 -23.90
N ASP A 121 3.65 10.30 -23.38
CA ASP A 121 2.85 9.15 -22.97
C ASP A 121 2.01 9.46 -21.72
N GLY A 122 2.41 10.49 -20.99
CA GLY A 122 1.67 10.84 -19.79
C GLY A 122 2.51 10.63 -18.55
N LEU A 123 3.77 10.26 -18.73
CA LEU A 123 4.64 10.05 -17.58
C LEU A 123 4.71 11.39 -16.85
N ILE A 124 4.80 11.33 -15.53
CA ILE A 124 4.84 12.54 -14.72
C ILE A 124 6.11 12.56 -13.90
N THR A 125 6.87 13.66 -14.01
CA THR A 125 8.09 13.81 -13.25
C THR A 125 7.87 14.92 -12.23
N VAL A 126 8.25 14.68 -10.98
CA VAL A 126 8.06 15.65 -9.93
C VAL A 126 9.38 16.18 -9.39
N LYS A 127 9.40 17.46 -9.00
CA LYS A 127 10.60 18.10 -8.46
C LYS A 127 10.33 18.63 -7.05
N GLY B 1 -13.57 -39.42 -14.02
CA GLY B 1 -14.38 -40.25 -14.97
C GLY B 1 -15.83 -39.80 -15.05
N SER B 2 -16.59 -40.03 -13.99
CA SER B 2 -17.99 -39.64 -14.00
C SER B 2 -18.30 -38.58 -12.95
N TYR B 3 -17.29 -38.21 -12.18
CA TYR B 3 -17.47 -37.22 -11.14
C TYR B 3 -16.39 -36.14 -11.21
N PRO B 4 -16.58 -35.13 -12.06
CA PRO B 4 -15.56 -34.08 -12.12
C PRO B 4 -15.25 -33.55 -10.73
N LYS B 5 -13.96 -33.51 -10.40
CA LYS B 5 -13.50 -33.03 -9.09
C LYS B 5 -12.32 -32.06 -9.23
N ASP B 6 -12.41 -30.93 -8.51
CA ASP B 6 -11.36 -29.92 -8.54
C ASP B 6 -10.72 -29.80 -9.92
N LYS B 7 -11.46 -29.29 -10.88
CA LYS B 7 -10.95 -29.15 -12.22
C LYS B 7 -11.85 -28.27 -13.09
N PHE B 8 -11.33 -27.91 -14.26
CA PHE B 8 -12.06 -27.13 -15.21
C PHE B 8 -12.72 -28.15 -16.11
N GLU B 9 -13.84 -27.77 -16.73
CA GLU B 9 -14.51 -28.66 -17.65
C GLU B 9 -15.47 -27.84 -18.48
N LYS B 10 -15.34 -27.93 -19.79
CA LYS B 10 -16.18 -27.18 -20.73
C LYS B 10 -17.44 -28.00 -21.04
N ILE B 11 -18.55 -27.59 -20.44
CA ILE B 11 -19.85 -28.23 -20.58
C ILE B 11 -20.72 -27.39 -21.48
N ASN B 12 -21.47 -28.00 -22.38
CA ASN B 12 -22.35 -27.24 -23.26
C ASN B 12 -21.67 -26.01 -23.85
N GLY B 13 -20.38 -26.13 -24.15
CA GLY B 13 -19.65 -25.02 -24.75
C GLY B 13 -19.32 -23.86 -23.83
N THR B 14 -19.38 -24.10 -22.53
CA THR B 14 -19.10 -23.08 -21.53
C THR B 14 -18.17 -23.62 -20.47
N TRP B 15 -17.16 -22.85 -20.07
CA TRP B 15 -16.23 -23.30 -19.05
C TRP B 15 -16.76 -23.17 -17.63
N TYR B 16 -16.70 -24.24 -16.86
CA TYR B 16 -17.13 -24.22 -15.48
C TYR B 16 -15.96 -24.78 -14.67
N TYR B 17 -16.10 -24.80 -13.35
CA TYR B 17 -15.03 -25.35 -12.51
C TYR B 17 -15.70 -26.06 -11.37
N PHE B 18 -15.41 -27.35 -11.21
CA PHE B 18 -16.05 -28.11 -10.15
C PHE B 18 -15.24 -28.28 -8.89
N ASP B 19 -15.92 -28.17 -7.74
CA ASP B 19 -15.22 -28.33 -6.48
C ASP B 19 -14.89 -29.79 -6.29
N SER B 20 -14.72 -30.23 -5.04
CA SER B 20 -14.36 -31.61 -4.82
C SER B 20 -15.56 -32.53 -4.76
N SER B 21 -16.77 -31.97 -4.78
CA SER B 21 -17.97 -32.79 -4.74
C SER B 21 -18.73 -32.75 -6.05
N GLY B 22 -18.10 -32.20 -7.07
CA GLY B 22 -18.75 -32.15 -8.37
C GLY B 22 -19.69 -30.99 -8.62
N TYR B 23 -19.67 -29.97 -7.77
CA TYR B 23 -20.55 -28.83 -7.99
C TYR B 23 -19.79 -27.69 -8.64
N MET B 24 -20.48 -26.96 -9.52
CA MET B 24 -19.84 -25.86 -10.21
C MET B 24 -19.63 -24.72 -9.21
N LEU B 25 -18.51 -24.02 -9.32
CA LEU B 25 -18.29 -22.88 -8.42
C LEU B 25 -19.20 -21.78 -8.96
N ALA B 26 -19.69 -20.93 -8.05
CA ALA B 26 -20.56 -19.81 -8.42
C ALA B 26 -20.31 -18.63 -7.47
N ASP B 27 -19.93 -17.49 -8.03
CA ASP B 27 -19.62 -16.31 -7.23
C ASP B 27 -18.51 -16.73 -6.29
N ARG B 28 -17.42 -17.22 -6.86
CA ARG B 28 -16.28 -17.67 -6.08
C ARG B 28 -15.03 -17.49 -6.91
N TRP B 29 -13.89 -17.38 -6.22
CA TRP B 29 -12.61 -17.25 -6.90
C TRP B 29 -11.91 -18.60 -6.82
N ARG B 30 -11.04 -18.88 -7.78
CA ARG B 30 -10.30 -20.12 -7.71
C ARG B 30 -8.94 -19.87 -8.35
N LYS B 31 -7.87 -20.15 -7.60
CA LYS B 31 -6.53 -19.97 -8.15
C LYS B 31 -6.22 -21.30 -8.77
N HIS B 32 -5.99 -21.30 -10.08
CA HIS B 32 -5.71 -22.56 -10.72
C HIS B 32 -4.27 -22.98 -10.53
N THR B 33 -4.00 -24.18 -11.00
CA THR B 33 -2.70 -24.79 -10.91
C THR B 33 -1.68 -24.06 -11.80
N ASP B 34 -2.14 -23.24 -12.73
CA ASP B 34 -1.22 -22.54 -13.63
C ASP B 34 -0.68 -21.25 -13.02
N GLY B 35 -1.21 -20.86 -11.86
CA GLY B 35 -0.75 -19.65 -11.21
C GLY B 35 -1.74 -18.49 -11.33
N ASN B 36 -2.66 -18.60 -12.28
CA ASN B 36 -3.64 -17.56 -12.51
C ASN B 36 -4.87 -17.71 -11.62
N TRP B 37 -5.58 -16.60 -11.39
CA TRP B 37 -6.79 -16.63 -10.61
C TRP B 37 -7.94 -16.59 -11.61
N TYR B 38 -9.05 -17.23 -11.28
CA TYR B 38 -10.19 -17.24 -12.17
C TYR B 38 -11.40 -16.93 -11.33
N TRP B 39 -12.43 -16.36 -11.96
CA TRP B 39 -13.62 -16.05 -11.21
C TRP B 39 -14.82 -16.62 -11.95
N PHE B 40 -15.79 -17.13 -11.20
CA PHE B 40 -16.96 -17.71 -11.82
C PHE B 40 -18.20 -17.02 -11.29
N ASP B 41 -18.95 -16.43 -12.22
CA ASP B 41 -20.16 -15.71 -11.83
C ASP B 41 -21.24 -16.60 -11.23
N ASN B 42 -22.41 -16.00 -11.01
CA ASN B 42 -23.52 -16.69 -10.39
C ASN B 42 -23.99 -17.93 -11.15
N SER B 43 -23.87 -17.90 -12.47
CA SER B 43 -24.30 -19.05 -13.26
C SER B 43 -23.19 -20.09 -13.32
N GLY B 44 -22.03 -19.75 -12.76
CA GLY B 44 -20.90 -20.66 -12.73
C GLY B 44 -19.96 -20.50 -13.91
N GLU B 45 -20.26 -19.56 -14.80
CA GLU B 45 -19.43 -19.37 -15.96
C GLU B 45 -18.13 -18.61 -15.71
N MET B 46 -17.05 -19.18 -16.22
CA MET B 46 -15.73 -18.60 -16.07
C MET B 46 -15.66 -17.17 -16.60
N ALA B 47 -15.30 -16.22 -15.75
CA ALA B 47 -15.21 -14.83 -16.19
C ALA B 47 -14.20 -14.54 -17.30
N THR B 48 -14.61 -13.67 -18.22
CA THR B 48 -13.80 -13.21 -19.34
C THR B 48 -13.98 -11.69 -19.46
N GLY B 49 -12.93 -10.95 -19.78
CA GLY B 49 -13.07 -9.51 -19.89
C GLY B 49 -13.31 -8.84 -18.53
N TRP B 50 -13.85 -7.63 -18.51
CA TRP B 50 -14.11 -6.92 -17.26
C TRP B 50 -15.25 -7.51 -16.45
N LYS B 51 -15.11 -7.51 -15.14
CA LYS B 51 -16.14 -8.01 -14.24
C LYS B 51 -15.94 -7.23 -12.96
N LYS B 52 -17.04 -6.87 -12.31
CA LYS B 52 -16.97 -6.11 -11.09
C LYS B 52 -17.42 -7.03 -9.97
N ILE B 53 -16.46 -7.40 -9.11
CA ILE B 53 -16.70 -8.29 -7.97
C ILE B 53 -16.51 -7.56 -6.65
N ALA B 54 -17.52 -7.61 -5.79
CA ALA B 54 -17.46 -6.95 -4.48
C ALA B 54 -17.10 -5.48 -4.58
N ASP B 55 -17.56 -4.84 -5.65
CA ASP B 55 -17.34 -3.42 -5.90
C ASP B 55 -15.92 -3.03 -6.31
N LYS B 56 -15.23 -3.94 -6.97
CA LYS B 56 -13.88 -3.68 -7.49
C LYS B 56 -13.81 -4.30 -8.89
N TRP B 57 -13.21 -3.60 -9.83
CA TRP B 57 -13.10 -4.11 -11.19
C TRP B 57 -11.86 -4.97 -11.43
N TYR B 58 -12.04 -6.05 -12.17
CA TYR B 58 -10.93 -6.94 -12.50
C TYR B 58 -10.98 -7.22 -13.98
N TYR B 59 -9.84 -7.47 -14.59
CA TYR B 59 -9.84 -7.77 -16.02
C TYR B 59 -9.29 -9.15 -16.32
N PHE B 60 -10.12 -9.99 -16.92
CA PHE B 60 -9.70 -11.36 -17.27
C PHE B 60 -9.47 -11.46 -18.79
N ASN B 61 -8.42 -12.15 -19.20
CA ASN B 61 -8.15 -12.29 -20.63
C ASN B 61 -9.12 -13.30 -21.22
N GLU B 62 -9.02 -13.55 -22.52
CA GLU B 62 -9.92 -14.48 -23.19
C GLU B 62 -9.88 -15.90 -22.63
N GLU B 63 -8.74 -16.28 -22.08
CA GLU B 63 -8.55 -17.61 -21.51
C GLU B 63 -9.05 -17.66 -20.09
N GLY B 64 -9.65 -16.56 -19.61
CA GLY B 64 -10.17 -16.53 -18.26
C GLY B 64 -9.19 -16.16 -17.14
N ALA B 65 -7.93 -15.94 -17.48
CA ALA B 65 -6.95 -15.59 -16.45
C ALA B 65 -7.06 -14.12 -16.01
N MET B 66 -7.17 -13.89 -14.71
CA MET B 66 -7.22 -12.52 -14.21
C MET B 66 -5.88 -11.85 -14.47
N LYS B 67 -5.90 -10.69 -15.13
CA LYS B 67 -4.65 -10.00 -15.43
C LYS B 67 -4.24 -9.05 -14.32
N THR B 68 -2.95 -8.73 -14.27
CA THR B 68 -2.39 -7.79 -13.30
C THR B 68 -1.45 -6.86 -14.09
N GLY B 69 -1.14 -5.70 -13.52
CA GLY B 69 -0.24 -4.78 -14.20
C GLY B 69 -0.97 -3.91 -15.19
N TRP B 70 -0.25 -3.32 -16.14
CA TRP B 70 -0.87 -2.47 -17.15
C TRP B 70 -1.49 -3.30 -18.24
N VAL B 71 -2.69 -2.91 -18.65
CA VAL B 71 -3.37 -3.57 -19.75
C VAL B 71 -3.98 -2.46 -20.57
N LYS B 72 -4.27 -2.74 -21.83
CA LYS B 72 -4.88 -1.74 -22.69
C LYS B 72 -6.20 -2.30 -23.16
N TYR B 73 -7.28 -1.60 -22.83
CA TYR B 73 -8.62 -2.00 -23.21
C TYR B 73 -9.20 -0.94 -24.13
N LYS B 74 -9.55 -1.33 -25.35
CA LYS B 74 -10.12 -0.39 -26.30
C LYS B 74 -9.18 0.80 -26.51
N ASP B 75 -7.88 0.53 -26.65
CA ASP B 75 -6.89 1.58 -26.88
C ASP B 75 -6.93 2.70 -25.82
N THR B 76 -6.78 2.30 -24.56
CA THR B 76 -6.75 3.21 -23.43
C THR B 76 -6.25 2.39 -22.24
N TRP B 77 -5.07 2.75 -21.73
CA TRP B 77 -4.44 2.03 -20.63
C TRP B 77 -5.13 2.05 -19.29
N TYR B 78 -4.95 0.96 -18.55
CA TYR B 78 -5.52 0.80 -17.20
C TYR B 78 -4.44 0.15 -16.36
N TYR B 79 -4.63 0.15 -15.05
CA TYR B 79 -3.65 -0.51 -14.22
C TYR B 79 -4.35 -1.35 -13.17
N LEU B 80 -4.04 -2.64 -13.17
CA LEU B 80 -4.62 -3.60 -12.24
C LEU B 80 -3.57 -3.93 -11.21
N ASP B 81 -3.94 -3.82 -9.94
CA ASP B 81 -3.01 -4.08 -8.82
C ASP B 81 -2.13 -5.28 -9.12
N ALA B 82 -0.83 -5.09 -9.01
CA ALA B 82 0.09 -6.17 -9.29
C ALA B 82 -0.11 -7.38 -8.41
N LYS B 83 -0.64 -7.19 -7.22
CA LYS B 83 -0.82 -8.33 -6.32
C LYS B 83 -2.25 -8.82 -6.14
N GLU B 84 -3.18 -7.90 -5.93
CA GLU B 84 -4.57 -8.27 -5.68
C GLU B 84 -5.40 -8.35 -6.98
N GLY B 85 -5.00 -7.59 -8.00
CA GLY B 85 -5.72 -7.61 -9.26
C GLY B 85 -6.66 -6.46 -9.57
N ALA B 86 -7.32 -5.91 -8.55
CA ALA B 86 -8.27 -4.81 -8.74
C ALA B 86 -7.76 -3.59 -9.51
N MET B 87 -8.66 -2.99 -10.28
CA MET B 87 -8.31 -1.81 -11.07
C MET B 87 -8.02 -0.64 -10.14
N VAL B 88 -6.85 -0.03 -10.30
CA VAL B 88 -6.48 1.12 -9.49
C VAL B 88 -7.14 2.36 -10.10
N SER B 89 -7.69 3.21 -9.24
CA SER B 89 -8.32 4.46 -9.70
C SER B 89 -7.93 5.62 -8.78
N ASN B 90 -7.73 6.80 -9.39
CA ASN B 90 -7.32 8.00 -8.66
C ASN B 90 -6.03 7.67 -7.90
N ALA B 91 -4.97 7.39 -8.63
CA ALA B 91 -3.72 7.05 -7.98
C ALA B 91 -2.59 7.27 -8.93
N PHE B 92 -1.39 7.35 -8.35
CA PHE B 92 -0.16 7.55 -9.09
C PHE B 92 0.61 6.25 -9.01
N ILE B 93 0.85 5.64 -10.16
CA ILE B 93 1.56 4.38 -10.23
C ILE B 93 2.96 4.62 -10.78
N GLN B 94 3.96 4.29 -9.98
CA GLN B 94 5.33 4.49 -10.36
C GLN B 94 5.68 3.82 -11.69
N SER B 95 6.42 4.52 -12.54
CA SER B 95 6.82 3.98 -13.83
C SER B 95 7.84 2.88 -13.54
N ALA B 96 8.09 2.02 -14.51
CA ALA B 96 9.02 0.91 -14.33
C ALA B 96 10.45 1.38 -14.05
N ASP B 97 10.92 2.39 -14.75
CA ASP B 97 12.28 2.90 -14.53
C ASP B 97 12.41 3.71 -13.24
N GLY B 98 11.31 3.90 -12.52
CA GLY B 98 11.34 4.65 -11.27
C GLY B 98 11.65 6.12 -11.45
N THR B 99 11.52 6.58 -12.69
CA THR B 99 11.78 7.96 -13.05
C THR B 99 10.58 8.83 -12.73
N GLY B 100 9.42 8.38 -13.16
CA GLY B 100 8.21 9.17 -12.93
C GLY B 100 7.04 8.39 -12.38
N TRP B 101 5.85 8.91 -12.64
CA TRP B 101 4.62 8.30 -12.15
C TRP B 101 3.55 8.46 -13.22
N TYR B 102 2.53 7.60 -13.15
CA TYR B 102 1.43 7.72 -14.08
C TYR B 102 0.21 7.93 -13.21
N TYR B 103 -0.71 8.76 -13.68
CA TYR B 103 -1.88 9.03 -12.88
C TYR B 103 -3.12 8.41 -13.50
N LEU B 104 -3.84 7.63 -12.72
CA LEU B 104 -5.03 6.97 -13.20
C LEU B 104 -6.24 7.75 -12.67
N LYS B 105 -6.98 8.36 -13.58
CA LYS B 105 -8.14 9.16 -13.25
C LYS B 105 -9.14 8.42 -12.34
N PRO B 106 -10.11 9.14 -11.76
CA PRO B 106 -11.09 8.53 -10.88
C PRO B 106 -11.84 7.33 -11.46
N ASP B 107 -11.82 7.22 -12.79
CA ASP B 107 -12.53 6.12 -13.46
C ASP B 107 -11.56 5.04 -13.95
N GLY B 108 -10.34 5.04 -13.42
CA GLY B 108 -9.37 4.04 -13.80
C GLY B 108 -8.57 4.33 -15.05
N THR B 109 -9.10 5.17 -15.93
CA THR B 109 -8.38 5.49 -17.15
C THR B 109 -7.12 6.32 -16.94
N LEU B 110 -6.09 6.04 -17.73
CA LEU B 110 -4.82 6.73 -17.65
C LEU B 110 -4.96 8.17 -18.09
N ALA B 111 -4.24 9.07 -17.44
CA ALA B 111 -4.28 10.47 -17.85
C ALA B 111 -2.99 10.74 -18.62
N ASP B 112 -3.11 10.78 -19.95
CA ASP B 112 -1.97 11.02 -20.80
C ASP B 112 -1.61 12.50 -20.71
N ARG B 113 -2.60 13.33 -20.42
CA ARG B 113 -2.39 14.76 -20.29
C ARG B 113 -2.99 15.27 -18.97
N PRO B 114 -2.34 14.94 -17.85
CA PRO B 114 -2.84 15.37 -16.55
C PRO B 114 -2.57 16.87 -16.30
N GLU B 115 -3.50 17.51 -15.60
CA GLU B 115 -3.39 18.93 -15.27
C GLU B 115 -3.34 19.10 -13.76
N PHE B 116 -2.24 19.69 -13.27
CA PHE B 116 -2.07 19.87 -11.85
C PHE B 116 -2.33 21.30 -11.36
N THR B 117 -2.67 21.40 -10.08
CA THR B 117 -2.93 22.66 -9.44
C THR B 117 -2.37 22.49 -8.05
N VAL B 118 -1.64 23.50 -7.56
CA VAL B 118 -1.05 23.43 -6.25
C VAL B 118 -1.56 24.55 -5.37
N GLU B 119 -1.77 24.25 -4.10
CA GLU B 119 -2.26 25.23 -3.16
C GLU B 119 -1.09 25.58 -2.26
N PRO B 120 -1.12 26.77 -1.65
CA PRO B 120 -0.02 27.19 -0.77
C PRO B 120 0.56 26.17 0.22
N ASP B 121 -0.22 25.20 0.71
CA ASP B 121 0.38 24.23 1.62
C ASP B 121 0.99 23.06 0.87
N GLY B 122 0.85 23.08 -0.46
CA GLY B 122 1.39 21.99 -1.26
C GLY B 122 0.36 20.98 -1.75
N LEU B 123 -0.87 21.06 -1.25
CA LEU B 123 -1.89 20.13 -1.69
C LEU B 123 -1.96 20.17 -3.21
N ILE B 124 -1.62 19.05 -3.82
CA ILE B 124 -1.65 18.91 -5.27
C ILE B 124 -2.99 18.34 -5.69
N THR B 125 -3.70 19.01 -6.59
CA THR B 125 -4.97 18.47 -7.06
C THR B 125 -4.77 18.16 -8.55
N VAL B 126 -5.28 17.01 -8.99
CA VAL B 126 -5.11 16.59 -10.38
C VAL B 126 -6.41 16.58 -11.15
N LYS B 127 -6.29 16.69 -12.47
CA LYS B 127 -7.46 16.71 -13.32
C LYS B 127 -7.08 16.40 -14.76
PT1 TPT C . 17.66 14.62 9.61
N1 TPT C . 17.28 13.84 7.57
N2 TPT C . 15.80 14.40 9.69
N3 TPT C . 17.38 14.97 11.73
C1 TPT C . 18.19 13.57 6.54
C2 TPT C . 17.70 13.22 5.27
C3 TPT C . 16.30 13.15 5.08
C4 TPT C . 15.40 13.42 6.12
C5 TPT C . 15.90 13.78 7.39
C6 TPT C . 15.10 14.08 8.53
C7 TPT C . 13.70 14.06 8.55
C8 TPT C . 13.04 14.38 9.75
C9 TPT C . 13.77 14.71 10.92
C10 TPT C . 15.17 14.71 10.87
C11 TPT C . 16.01 15.02 11.96
C12 TPT C . 15.57 15.37 13.24
C13 TPT C . 16.52 15.65 14.24
C14 TPT C . 17.90 15.58 13.98
C15 TPT C . 18.32 15.24 12.70
C4 CHT D . 2.99 7.05 28.64
C5 CHT D . 4.00 7.19 29.86
C6 CHT D . 5.84 5.72 30.69
C7 CHT D . 5.77 6.24 28.34
C8 CHT D . 6.33 7.95 29.96
O6 CHT D . 1.76 6.64 29.13
N1 CHT D . 5.47 6.76 29.71
C4 CHT E . 5.72 -2.85 12.39
C5 CHT E . 6.41 -1.41 12.41
C6 CHT E . 7.72 -0.22 14.18
C7 CHT E . 8.30 -2.51 13.70
C8 CHT E . 8.78 -0.75 12.10
O6 CHT E . 4.50 -2.74 11.71
N1 CHT E . 7.79 -1.22 13.11
C4 CHT F . -2.07 18.06 7.09
C5 CHT F . -1.42 18.62 5.75
C6 CHT F . 0.00 20.63 5.34
C7 CHT F . 0.54 19.20 7.18
C8 CHT F . 0.87 18.46 4.91
O6 CHT F . -3.13 18.90 7.44
N1 CHT F . -0.02 19.24 5.80
N1 DDQ G . -8.86 -22.81 -19.16
O1 DDQ G . -9.21 -22.26 -20.19
CM1 DDQ G . -8.18 -21.84 -18.31
CM2 DDQ G . -9.99 -23.12 -18.34
C1 DDQ G . -7.86 -23.89 -19.38
C2 DDQ G . -7.51 -24.80 -18.16
C3 DDQ G . -5.95 -25.04 -18.07
C4 DDQ G . -5.69 -26.49 -18.52
C5 DDQ G . -6.01 -27.54 -17.47
C6 DDQ G . -4.63 -28.06 -17.00
C7 DDQ G . -4.90 -29.12 -15.93
C8 DDQ G . -3.92 -30.31 -15.97
C9 DDQ G . -4.85 -31.45 -16.32
C10 DDQ G . -4.37 -32.74 -15.67
N1 DDQ H . -8.01 -12.30 -5.37
O1 DDQ H . -8.92 -11.49 -5.39
CM1 DDQ H . -7.64 -12.64 -6.73
CM2 DDQ H . -6.78 -11.74 -4.92
C1 DDQ H . -8.39 -13.60 -4.77
C2 DDQ H . -8.48 -13.59 -3.21
C3 DDQ H . -9.92 -13.95 -2.72
C4 DDQ H . -9.82 -15.24 -1.91
C5 DDQ H . -10.24 -16.48 -2.66
C6 DDQ H . -10.14 -17.63 -1.62
C7 DDQ H . -10.56 -18.91 -2.36
C8 DDQ H . -9.37 -19.85 -2.65
C9 DDQ H . -9.52 -20.10 -4.13
C10 DDQ H . -8.32 -20.84 -4.68
C4 CHT I . -15.91 -1.39 -19.35
C5 CHT I . -16.02 -1.20 -17.77
C6 CHT I . -14.28 -1.10 -15.97
C7 CHT I . -13.94 0.21 -17.96
C8 CHT I . -15.67 0.78 -16.37
O6 CHT I . -17.00 -2.16 -19.79
N1 CHT I . -14.97 -0.35 -17.02
C4 CHT J . 2.44 4.62 -22.04
C5 CHT J . 2.27 4.04 -20.57
C6 CHT J . 1.36 1.90 -19.71
C7 CHT J . 2.95 1.83 -21.53
C8 CHT J . 3.64 2.45 -19.30
O6 CHT J . 1.18 5.09 -22.45
N1 CHT J . 2.54 2.56 -20.28
#